data_2OEY
#
_entry.id   2OEY
#
loop_
_entity.id
_entity.type
_entity.pdbx_description
1 polymer 'DNA (25-MER)'
2 non-polymer "(1R,3A'S,10'S,10A'R)-7-METHOXY-2-OXO-10',10A'-DIHYDRO-2H,3A'H-SPIRO[NAPHTHALENE-1,3'-PENTALENO[1,2-B]NAPHTHALEN]-10'-YL 2,6-DIDEOXY-2-(METHYLAMINO)-ALPHA-D-GALACTOPYRANOSIDE"
#
_entity_poly.entity_id   1
_entity_poly.type   'polydeoxyribonucleotide'
_entity_poly.pdbx_seq_one_letter_code
;(DC)(DC)(DA)(DT)(DC)(DG)(DT)(DC)(DT)(DA)(DC)(DC)(DT)(DT)(DT)(DG)(DG)(DT)(DA)(DG)
(DG)(DA)(DT)(DG)(DG)
;
_entity_poly.pdbx_strand_id   A
#